data_4D3J
#
_entry.id   4D3J
#
_cell.length_a   80.623
_cell.length_b   95.008
_cell.length_c   62.766
_cell.angle_alpha   90.00
_cell.angle_beta   90.00
_cell.angle_gamma   90.00
#
_symmetry.space_group_name_H-M   'P 21 21 2'
#
loop_
_entity.id
_entity.type
_entity.pdbx_description
1 polymer 'NITRIC OXIDE SYNTHASE OXYGENASE'
2 non-polymer 'PROTOPORPHYRIN IX CONTAINING FE'
3 non-polymer 'CHLORIDE ION'
4 non-polymer "6,6'-[(5-aminobenzene-1,3-diyl)diethane-2,1-diyl]bis(4-methylpyridin-2-amine)"
5 non-polymer GLYCEROL
6 non-polymer DI(HYDROXYETHYL)ETHER
7 non-polymer N-PROPANOL
8 water water
#
_entity_poly.entity_id   1
_entity_poly.type   'polypeptide(L)'
_entity_poly.pdbx_seq_one_letter_code
;MEEKEILWNEAKAFIAACYQELGKAAEVKDRLADIKSEIDLTGSYVHTKEELEHGAKMAWRNSNRCIGRLFWNSLNVIDR
RDVRTKEEVRDALFHHIETATNNGKIRPTITIFPPEEKGEKQVEIWNHQLIRYAGYESDGERIGDPASCSLTAACEELGW
RGERTDFDLLPLIFRMKGDEQPVWYELPRSLVIEVPITHPDIEAFSDLELKWYGVPIISDMKLEVGGIHYNAAPFNGWYM
GTEIGARNLADEKRYDKLKKVASVIGIAADYNTDLWKDQALVELNKAVLHSYKKQGVSIVDHHTAASQFKRFEEQAEEAG
RKLTGDWTWLIPPISPAATHIFHRSYDNSIVKPNYFYQDKPYE
;
_entity_poly.pdbx_strand_id   A
#
loop_
_chem_comp.id
_chem_comp.type
_chem_comp.name
_chem_comp.formula
CL non-polymer 'CHLORIDE ION' 'Cl -1'
GOL non-polymer GLYCEROL 'C3 H8 O3'
HEM non-polymer 'PROTOPORPHYRIN IX CONTAINING FE' 'C34 H32 Fe N4 O4'
PEG non-polymer DI(HYDROXYETHYL)ETHER 'C4 H10 O3'
POL non-polymer N-PROPANOL 'C3 H8 O'
XFN non-polymer 6,6'-[(5-aminobenzene-1,3-diyl)diethane-2,1-diyl]bis(4-methylpyridin-2-amine) 'C22 H27 N5'
#
# COMPACT_ATOMS: atom_id res chain seq x y z
N GLU A 2 -9.32 10.14 29.76
CA GLU A 2 -9.51 11.03 28.62
C GLU A 2 -9.41 10.26 27.31
N GLU A 3 -9.06 8.98 27.41
CA GLU A 3 -9.07 8.09 26.25
C GLU A 3 -10.46 8.12 25.63
N LYS A 4 -11.46 7.93 26.48
CA LYS A 4 -12.87 7.88 26.06
C LYS A 4 -13.34 9.17 25.43
N GLU A 5 -12.87 10.30 25.94
CA GLU A 5 -13.27 11.60 25.41
C GLU A 5 -12.70 11.81 24.01
N ILE A 6 -11.47 11.38 23.80
CA ILE A 6 -10.87 11.43 22.47
C ILE A 6 -11.72 10.59 21.53
N LEU A 7 -12.11 9.41 22.00
CA LEU A 7 -12.91 8.48 21.20
C LEU A 7 -14.28 9.07 20.87
N TRP A 8 -14.96 9.60 21.89
CA TRP A 8 -16.28 10.20 21.71
C TRP A 8 -16.24 11.38 20.74
N ASN A 9 -15.22 12.22 20.86
CA ASN A 9 -15.07 13.38 19.98
C ASN A 9 -14.81 13.01 18.53
N GLU A 10 -13.95 12.02 18.30
CA GLU A 10 -13.68 11.53 16.96
C GLU A 10 -14.94 10.88 16.38
N ALA A 11 -15.65 10.14 17.22
CA ALA A 11 -16.86 9.44 16.81
C ALA A 11 -17.93 10.41 16.32
N LYS A 12 -18.14 11.48 17.09
CA LYS A 12 -19.09 12.53 16.72
C LYS A 12 -18.79 13.13 15.36
N ALA A 13 -17.53 13.50 15.14
CA ALA A 13 -17.15 14.13 13.88
C ALA A 13 -17.29 13.17 12.71
N PHE A 14 -16.85 11.93 12.91
CA PHE A 14 -16.93 10.92 11.85
C PHE A 14 -18.36 10.58 11.46
N ILE A 15 -19.20 10.29 12.45
CA ILE A 15 -20.57 9.86 12.18
C ILE A 15 -21.37 10.96 11.47
N ALA A 16 -21.17 12.20 11.90
CA ALA A 16 -21.85 13.33 11.28
C ALA A 16 -21.45 13.48 9.81
N ALA A 17 -20.16 13.41 9.55
CA ALA A 17 -19.62 13.55 8.21
C ALA A 17 -20.03 12.38 7.32
N CYS A 18 -19.88 11.17 7.85
CA CYS A 18 -20.20 9.94 7.13
C CYS A 18 -21.68 9.87 6.73
N TYR A 19 -22.56 10.12 7.69
CA TYR A 19 -23.99 10.03 7.43
C TYR A 19 -24.47 11.14 6.51
N GLN A 20 -23.79 12.28 6.57
CA GLN A 20 -24.13 13.40 5.69
C GLN A 20 -23.86 13.00 4.23
N GLU A 21 -22.70 12.40 4.00
CA GLU A 21 -22.31 11.95 2.67
C GLU A 21 -23.22 10.82 2.18
N LEU A 22 -23.74 10.03 3.12
CA LEU A 22 -24.59 8.90 2.79
C LEU A 22 -26.08 9.27 2.77
N GLY A 23 -26.37 10.57 2.92
CA GLY A 23 -27.73 11.04 2.95
C GLY A 23 -28.53 10.56 4.14
N LYS A 24 -27.82 10.21 5.22
CA LYS A 24 -28.43 9.64 6.42
C LYS A 24 -28.39 10.60 7.60
N ALA A 25 -28.29 11.90 7.32
CA ALA A 25 -28.12 12.91 8.37
C ALA A 25 -29.17 12.87 9.48
N ALA A 26 -30.38 12.43 9.16
CA ALA A 26 -31.46 12.38 10.14
C ALA A 26 -31.23 11.32 11.21
N GLU A 27 -30.38 10.34 10.90
CA GLU A 27 -30.13 9.21 11.79
C GLU A 27 -28.93 9.45 12.71
N VAL A 28 -28.20 10.52 12.45
CA VAL A 28 -27.00 10.87 13.22
C VAL A 28 -27.32 10.95 14.72
N LYS A 29 -28.43 11.62 15.03
CA LYS A 29 -28.82 11.85 16.41
C LYS A 29 -28.93 10.57 17.24
N ASP A 30 -29.77 9.65 16.79
CA ASP A 30 -29.98 8.39 17.50
C ASP A 30 -28.75 7.50 17.50
N ARG A 31 -28.00 7.52 16.40
CA ARG A 31 -26.80 6.69 16.29
C ARG A 31 -25.73 7.12 17.31
N LEU A 32 -25.57 8.44 17.46
CA LEU A 32 -24.60 8.98 18.42
C LEU A 32 -24.99 8.67 19.87
N ALA A 33 -26.30 8.63 20.14
CA ALA A 33 -26.77 8.28 21.48
C ALA A 33 -26.41 6.84 21.79
N ASP A 34 -26.68 5.96 20.83
CA ASP A 34 -26.32 4.55 20.96
C ASP A 34 -24.82 4.39 21.20
N ILE A 35 -24.03 5.14 20.44
CA ILE A 35 -22.58 5.11 20.56
C ILE A 35 -22.12 5.59 21.95
N LYS A 36 -22.73 6.66 22.45
CA LYS A 36 -22.32 7.20 23.74
C LYS A 36 -22.57 6.21 24.88
N SER A 37 -23.73 5.53 24.84
CA SER A 37 -24.04 4.49 25.81
C SER A 37 -23.02 3.37 25.73
N GLU A 38 -22.70 2.96 24.51
CA GLU A 38 -21.80 1.85 24.27
C GLU A 38 -20.38 2.14 24.79
N ILE A 39 -19.94 3.38 24.60
CA ILE A 39 -18.64 3.80 25.12
C ILE A 39 -18.65 3.80 26.65
N ASP A 40 -19.67 4.44 27.23
CA ASP A 40 -19.86 4.44 28.68
C ASP A 40 -19.77 3.04 29.24
N LEU A 41 -20.43 2.11 28.56
CA LEU A 41 -20.54 0.72 28.99
C LEU A 41 -19.23 -0.04 28.80
N THR A 42 -18.77 -0.06 27.56
CA THR A 42 -17.75 -1.01 27.11
C THR A 42 -16.37 -0.38 26.90
N GLY A 43 -16.30 0.94 26.91
CA GLY A 43 -15.04 1.64 26.68
C GLY A 43 -14.76 1.89 25.21
N SER A 44 -15.65 1.37 24.34
CA SER A 44 -15.49 1.55 22.90
C SER A 44 -16.82 1.41 22.17
N TYR A 45 -16.77 1.42 20.85
CA TYR A 45 -17.97 1.16 20.03
C TYR A 45 -17.65 0.39 18.77
N VAL A 46 -18.68 -0.17 18.15
CA VAL A 46 -18.53 -1.03 16.98
C VAL A 46 -19.18 -0.38 15.75
N HIS A 47 -18.44 -0.29 14.66
CA HIS A 47 -18.96 0.30 13.43
C HIS A 47 -19.98 -0.61 12.75
N THR A 48 -21.01 -0.02 12.15
CA THR A 48 -21.86 -0.77 11.23
C THR A 48 -21.02 -1.07 9.98
N LYS A 49 -21.47 -2.03 9.18
CA LYS A 49 -20.76 -2.37 7.94
C LYS A 49 -20.68 -1.16 7.03
N GLU A 50 -21.78 -0.40 6.99
CA GLU A 50 -21.85 0.80 6.16
C GLU A 50 -20.83 1.85 6.60
N GLU A 51 -20.70 2.04 7.91
CA GLU A 51 -19.76 3.00 8.46
C GLU A 51 -18.32 2.58 8.19
N LEU A 52 -18.05 1.29 8.35
CA LEU A 52 -16.71 0.76 8.16
C LEU A 52 -16.29 0.92 6.70
N GLU A 53 -17.18 0.54 5.80
CA GLU A 53 -16.90 0.63 4.38
C GLU A 53 -16.65 2.06 3.93
N HIS A 54 -17.57 2.96 4.29
CA HIS A 54 -17.39 4.34 3.90
C HIS A 54 -16.19 4.97 4.61
N GLY A 55 -15.92 4.56 5.85
CA GLY A 55 -14.75 5.04 6.57
C GLY A 55 -13.43 4.72 5.89
N ALA A 56 -13.31 3.50 5.37
CA ALA A 56 -12.09 3.08 4.67
C ALA A 56 -11.96 3.86 3.37
N LYS A 57 -13.08 4.13 2.72
CA LYS A 57 -13.07 4.93 1.50
C LYS A 57 -12.66 6.37 1.76
N MET A 58 -13.21 6.98 2.83
CA MET A 58 -12.83 8.35 3.20
C MET A 58 -11.34 8.41 3.54
N ALA A 59 -10.85 7.37 4.20
CA ALA A 59 -9.45 7.33 4.60
C ALA A 59 -8.55 7.39 3.37
N TRP A 60 -8.94 6.67 2.31
CA TRP A 60 -8.17 6.72 1.06
C TRP A 60 -8.29 8.12 0.45
N ARG A 61 -9.49 8.68 0.48
CA ARG A 61 -9.74 9.99 -0.10
C ARG A 61 -8.91 11.08 0.59
N ASN A 62 -8.57 10.85 1.85
CA ASN A 62 -7.80 11.81 2.64
C ASN A 62 -6.29 11.56 2.64
N SER A 63 -5.85 10.54 1.89
CA SER A 63 -4.43 10.19 1.90
C SER A 63 -3.63 11.16 1.04
N ASN A 64 -3.07 12.17 1.68
CA ASN A 64 -2.40 13.29 1.00
C ASN A 64 -1.34 12.88 -0.01
N ARG A 65 -0.69 11.75 0.23
CA ARG A 65 0.48 11.36 -0.56
C ARG A 65 0.11 10.53 -1.78
N CYS A 66 -1.18 10.23 -1.93
CA CYS A 66 -1.63 9.31 -2.96
C CYS A 66 -2.19 9.99 -4.22
N ILE A 67 -1.56 9.69 -5.36
CA ILE A 67 -1.98 10.24 -6.64
C ILE A 67 -3.18 9.49 -7.22
N GLY A 68 -3.48 8.31 -6.66
CA GLY A 68 -4.51 7.44 -7.22
C GLY A 68 -5.91 7.66 -6.70
N ARG A 69 -6.11 8.74 -5.95
CA ARG A 69 -7.37 8.91 -5.20
C ARG A 69 -8.67 9.10 -5.99
N LEU A 70 -8.59 9.31 -7.30
CA LEU A 70 -9.81 9.49 -8.09
C LEU A 70 -10.80 8.36 -7.83
N PHE A 71 -10.24 7.18 -7.60
CA PHE A 71 -11.05 5.97 -7.54
C PHE A 71 -11.45 5.55 -6.13
N TRP A 72 -11.33 6.49 -5.18
CA TRP A 72 -11.61 6.23 -3.76
C TRP A 72 -12.94 5.53 -3.47
N ASN A 73 -13.98 5.87 -4.22
CA ASN A 73 -15.31 5.39 -3.91
C ASN A 73 -15.57 3.99 -4.44
N SER A 74 -14.63 3.42 -5.18
CA SER A 74 -14.84 2.07 -5.67
C SER A 74 -13.98 1.03 -4.96
N LEU A 75 -13.33 1.47 -3.87
CA LEU A 75 -12.57 0.57 -3.01
C LEU A 75 -13.43 -0.60 -2.57
N ASN A 76 -12.88 -1.81 -2.69
CA ASN A 76 -13.56 -3.04 -2.29
C ASN A 76 -13.21 -3.33 -0.83
N VAL A 77 -14.17 -3.20 0.07
CA VAL A 77 -13.89 -3.33 1.50
C VAL A 77 -14.34 -4.69 2.02
N ILE A 78 -13.40 -5.48 2.53
CA ILE A 78 -13.71 -6.79 3.10
C ILE A 78 -13.66 -6.76 4.63
N ASP A 79 -14.80 -7.04 5.25
CA ASP A 79 -14.93 -6.92 6.70
C ASP A 79 -14.54 -8.23 7.37
N ARG A 80 -13.34 -8.29 7.93
CA ARG A 80 -12.93 -9.50 8.66
C ARG A 80 -12.75 -9.27 10.17
N ARG A 81 -13.63 -8.48 10.75
CA ARG A 81 -13.61 -8.24 12.19
C ARG A 81 -14.01 -9.48 12.99
N ASP A 82 -14.42 -10.52 12.28
CA ASP A 82 -14.87 -11.76 12.90
C ASP A 82 -13.75 -12.78 13.14
N VAL A 83 -12.56 -12.55 12.61
CA VAL A 83 -11.49 -13.55 12.75
C VAL A 83 -11.01 -13.66 14.20
N ARG A 84 -10.66 -14.87 14.61
CA ARG A 84 -10.22 -15.13 15.98
C ARG A 84 -8.98 -16.03 16.03
N THR A 85 -8.68 -16.71 14.93
CA THR A 85 -7.57 -17.68 14.91
C THR A 85 -6.52 -17.35 13.85
N LYS A 86 -5.32 -17.93 13.98
CA LYS A 86 -4.25 -17.68 13.02
C LYS A 86 -4.62 -18.23 11.66
N GLU A 87 -5.28 -19.38 11.64
CA GLU A 87 -5.68 -19.98 10.38
C GLU A 87 -6.65 -19.07 9.63
N GLU A 88 -7.59 -18.46 10.37
CA GLU A 88 -8.52 -17.51 9.76
C GLU A 88 -7.80 -16.26 9.23
N VAL A 89 -6.83 -15.76 9.98
CA VAL A 89 -6.06 -14.60 9.51
C VAL A 89 -5.29 -14.95 8.24
N ARG A 90 -4.59 -16.09 8.29
CA ARG A 90 -3.82 -16.54 7.13
C ARG A 90 -4.73 -16.70 5.92
N ASP A 91 -5.84 -17.38 6.11
CA ASP A 91 -6.75 -17.60 5.00
C ASP A 91 -7.33 -16.29 4.46
N ALA A 92 -7.56 -15.32 5.34
CA ALA A 92 -8.07 -14.00 4.91
C ALA A 92 -7.02 -13.23 4.11
N LEU A 93 -5.75 -13.42 4.46
CA LEU A 93 -4.68 -12.77 3.72
C LEU A 93 -4.48 -13.41 2.34
N PHE A 94 -4.52 -14.75 2.30
CA PHE A 94 -4.50 -15.48 1.04
C PHE A 94 -5.64 -15.02 0.14
N HIS A 95 -6.83 -14.92 0.72
CA HIS A 95 -8.01 -14.48 -0.04
C HIS A 95 -7.84 -13.06 -0.57
N HIS A 96 -7.31 -12.16 0.25
CA HIS A 96 -7.07 -10.79 -0.20
C HIS A 96 -6.19 -10.81 -1.44
N ILE A 97 -5.09 -11.55 -1.37
CA ILE A 97 -4.20 -11.64 -2.53
C ILE A 97 -4.95 -12.15 -3.78
N GLU A 98 -5.75 -13.20 -3.62
CA GLU A 98 -6.44 -13.77 -4.76
C GLU A 98 -7.46 -12.79 -5.35
N THR A 99 -8.26 -12.17 -4.49
CA THR A 99 -9.36 -11.34 -5.02
C THR A 99 -8.86 -9.99 -5.51
N ALA A 100 -7.82 -9.46 -4.87
CA ALA A 100 -7.23 -8.21 -5.34
C ALA A 100 -6.52 -8.41 -6.68
N THR A 101 -5.85 -9.56 -6.81
CA THR A 101 -5.12 -9.86 -8.05
C THR A 101 -6.09 -10.03 -9.21
N ASN A 102 -7.13 -10.81 -8.99
CA ASN A 102 -8.20 -10.95 -9.97
C ASN A 102 -7.67 -11.30 -11.36
N ASN A 103 -6.78 -12.28 -11.42
CA ASN A 103 -6.18 -12.72 -12.69
C ASN A 103 -5.45 -11.61 -13.46
N GLY A 104 -5.04 -10.57 -12.74
CA GLY A 104 -4.29 -9.49 -13.37
C GLY A 104 -5.08 -8.20 -13.51
N LYS A 105 -6.41 -8.30 -13.55
CA LYS A 105 -7.23 -7.08 -13.59
C LYS A 105 -7.46 -6.59 -12.15
N ILE A 106 -6.46 -5.91 -11.62
CA ILE A 106 -6.34 -5.63 -10.18
C ILE A 106 -7.53 -4.83 -9.61
N ARG A 107 -8.02 -5.29 -8.46
CA ARG A 107 -9.10 -4.63 -7.73
CA ARG A 107 -9.08 -4.59 -7.75
C ARG A 107 -8.57 -3.98 -6.46
N PRO A 108 -8.67 -2.65 -6.33
CA PRO A 108 -8.28 -1.99 -5.08
C PRO A 108 -9.17 -2.52 -3.97
N THR A 109 -8.53 -3.06 -2.93
CA THR A 109 -9.20 -3.85 -1.92
C THR A 109 -8.56 -3.57 -0.56
N ILE A 110 -9.36 -3.57 0.49
CA ILE A 110 -8.82 -3.55 1.86
C ILE A 110 -9.50 -4.64 2.67
N THR A 111 -8.73 -5.40 3.45
CA THR A 111 -9.28 -6.37 4.37
C THR A 111 -9.10 -5.81 5.77
N ILE A 112 -10.19 -5.71 6.52
CA ILE A 112 -10.12 -5.07 7.83
C ILE A 112 -10.28 -6.08 8.98
N PHE A 113 -9.25 -6.19 9.81
CA PHE A 113 -9.24 -7.16 10.91
C PHE A 113 -9.73 -6.49 12.20
N PRO A 114 -9.93 -7.27 13.30
CA PRO A 114 -10.39 -6.61 14.54
C PRO A 114 -9.46 -5.48 14.98
N PRO A 115 -10.04 -4.37 15.50
CA PRO A 115 -9.25 -3.21 15.87
C PRO A 115 -8.58 -3.38 17.24
N GLU A 116 -7.64 -2.48 17.55
CA GLU A 116 -7.06 -2.40 18.88
C GLU A 116 -8.15 -2.23 19.93
N GLU A 117 -7.99 -2.89 21.07
CA GLU A 117 -9.01 -2.83 22.11
C GLU A 117 -8.77 -1.65 23.02
N LYS A 118 -7.65 -1.68 23.73
CA LYS A 118 -7.18 -0.53 24.51
C LYS A 118 -5.72 -0.27 24.18
N GLY A 119 -5.43 -0.08 22.89
CA GLY A 119 -4.07 -0.01 22.43
C GLY A 119 -3.50 -1.42 22.27
N GLU A 120 -4.28 -2.41 22.71
CA GLU A 120 -3.89 -3.81 22.59
C GLU A 120 -4.33 -4.38 21.24
N LYS A 121 -3.35 -4.73 20.42
CA LYS A 121 -3.61 -5.32 19.12
C LYS A 121 -4.19 -6.72 19.25
N GLN A 122 -5.11 -7.06 18.35
CA GLN A 122 -5.67 -8.41 18.32
C GLN A 122 -4.87 -9.24 17.31
N VAL A 123 -4.47 -8.58 16.24
CA VAL A 123 -3.67 -9.17 15.18
C VAL A 123 -2.58 -8.16 14.85
N GLU A 124 -1.34 -8.63 14.78
CA GLU A 124 -0.19 -7.76 14.52
C GLU A 124 0.57 -8.25 13.29
N ILE A 125 0.43 -7.56 12.16
CA ILE A 125 1.10 -8.00 10.94
C ILE A 125 2.54 -7.46 10.87
N TRP A 126 3.50 -8.34 10.59
CA TRP A 126 4.91 -7.92 10.52
C TRP A 126 5.35 -7.46 9.12
N ASN A 127 4.74 -8.02 8.08
CA ASN A 127 5.11 -7.67 6.69
C ASN A 127 4.85 -6.21 6.39
N HIS A 128 5.72 -5.60 5.58
CA HIS A 128 5.45 -4.27 5.07
C HIS A 128 4.39 -4.33 3.95
N GLN A 129 4.56 -5.31 3.07
CA GLN A 129 3.54 -5.64 2.06
C GLN A 129 3.29 -7.14 2.11
N LEU A 130 2.09 -7.57 1.73
CA LEU A 130 1.79 -9.00 1.80
C LEU A 130 2.67 -9.80 0.85
N ILE A 131 2.99 -9.22 -0.31
CA ILE A 131 3.92 -9.80 -1.26
C ILE A 131 5.15 -8.88 -1.33
N ARG A 132 6.34 -9.41 -0.99
CA ARG A 132 7.56 -8.63 -1.14
C ARG A 132 8.76 -9.58 -1.18
N TYR A 133 9.89 -9.10 -1.70
CA TYR A 133 11.07 -9.97 -1.80
C TYR A 133 11.97 -9.82 -0.58
N ALA A 134 12.60 -10.93 -0.19
CA ALA A 134 13.54 -10.94 0.91
C ALA A 134 14.85 -10.24 0.52
N GLY A 135 15.65 -9.88 1.52
CA GLY A 135 16.93 -9.22 1.27
C GLY A 135 17.96 -9.74 2.25
N TYR A 136 19.21 -9.86 1.80
CA TYR A 136 20.28 -10.42 2.62
C TYR A 136 21.54 -9.59 2.44
N GLU A 137 22.29 -9.42 3.53
CA GLU A 137 23.57 -8.74 3.47
C GLU A 137 24.45 -9.36 4.51
N SER A 138 25.56 -9.95 4.07
CA SER A 138 26.51 -10.56 5.00
C SER A 138 27.83 -10.77 4.28
N ASP A 139 28.92 -10.56 5.00
CA ASP A 139 30.26 -10.67 4.42
C ASP A 139 30.36 -9.89 3.11
N GLY A 140 29.82 -8.67 3.10
CA GLY A 140 29.86 -7.81 1.93
C GLY A 140 28.98 -8.26 0.77
N GLU A 141 28.36 -9.43 0.90
CA GLU A 141 27.51 -9.97 -0.16
C GLU A 141 26.06 -9.52 -0.02
N ARG A 142 25.54 -8.85 -1.03
CA ARG A 142 24.16 -8.36 -1.02
C ARG A 142 23.26 -9.13 -2.01
N ILE A 143 22.13 -9.62 -1.51
CA ILE A 143 21.22 -10.42 -2.33
C ILE A 143 19.81 -9.93 -2.08
N GLY A 144 19.02 -9.81 -3.15
CA GLY A 144 17.61 -9.49 -3.00
C GLY A 144 17.37 -8.02 -2.71
N ASP A 145 16.30 -7.73 -1.97
CA ASP A 145 15.85 -6.35 -1.75
C ASP A 145 16.38 -5.83 -0.41
N PRO A 146 17.30 -4.85 -0.45
CA PRO A 146 17.89 -4.40 0.81
C PRO A 146 16.84 -3.86 1.79
N ALA A 147 15.71 -3.37 1.26
CA ALA A 147 14.64 -2.83 2.10
C ALA A 147 14.07 -3.89 3.03
N SER A 148 14.25 -5.17 2.68
CA SER A 148 13.67 -6.26 3.46
C SER A 148 14.66 -6.94 4.40
N CYS A 149 15.88 -6.41 4.50
CA CYS A 149 16.91 -7.08 5.28
C CYS A 149 16.53 -7.36 6.74
N SER A 150 15.97 -6.37 7.42
CA SER A 150 15.66 -6.54 8.85
C SER A 150 14.53 -7.55 9.05
N LEU A 151 13.46 -7.42 8.26
CA LEU A 151 12.34 -8.36 8.33
C LEU A 151 12.79 -9.77 7.96
N THR A 152 13.61 -9.89 6.92
CA THR A 152 14.13 -11.20 6.52
C THR A 152 14.93 -11.84 7.65
N ALA A 153 15.78 -11.05 8.31
CA ALA A 153 16.55 -11.59 9.42
C ALA A 153 15.65 -12.03 10.57
N ALA A 154 14.57 -11.28 10.80
CA ALA A 154 13.62 -11.63 11.85
C ALA A 154 12.92 -12.94 11.51
N CYS A 155 12.56 -13.10 10.24
CA CYS A 155 11.91 -14.33 9.77
CA CYS A 155 11.90 -14.32 9.82
C CYS A 155 12.83 -15.51 9.98
N GLU A 156 14.10 -15.33 9.66
CA GLU A 156 15.04 -16.43 9.82
C GLU A 156 15.32 -16.79 11.28
N GLU A 157 14.86 -15.95 12.21
CA GLU A 157 14.93 -16.28 13.64
C GLU A 157 13.77 -17.18 14.05
N LEU A 158 12.77 -17.26 13.18
CA LEU A 158 11.53 -17.96 13.47
C LEU A 158 11.49 -19.34 12.80
N GLY A 159 12.62 -19.75 12.24
CA GLY A 159 12.71 -21.08 11.66
C GLY A 159 12.56 -21.13 10.14
N TRP A 160 12.28 -19.98 9.53
CA TRP A 160 12.22 -19.86 8.08
C TRP A 160 13.64 -19.78 7.50
N ARG A 161 13.80 -20.19 6.24
CA ARG A 161 15.07 -20.06 5.54
C ARG A 161 14.82 -19.66 4.09
N GLY A 162 15.47 -18.60 3.62
CA GLY A 162 15.29 -18.17 2.25
C GLY A 162 16.26 -18.87 1.33
N GLU A 163 15.88 -19.07 0.07
CA GLU A 163 16.76 -19.69 -0.91
C GLU A 163 17.93 -18.80 -1.33
N ARG A 164 17.81 -17.52 -1.02
CA ARG A 164 18.84 -16.53 -1.38
C ARG A 164 18.99 -16.34 -2.90
N THR A 165 17.86 -16.36 -3.61
CA THR A 165 17.80 -15.76 -4.94
C THR A 165 17.56 -14.27 -4.73
N ASP A 166 17.53 -13.50 -5.82
CA ASP A 166 17.29 -12.07 -5.70
C ASP A 166 15.81 -11.77 -5.53
N PHE A 167 14.97 -12.80 -5.66
CA PHE A 167 13.51 -12.63 -5.62
C PHE A 167 12.79 -13.69 -4.79
N ASP A 168 13.31 -13.96 -3.59
CA ASP A 168 12.64 -14.89 -2.68
C ASP A 168 11.37 -14.22 -2.16
N LEU A 169 10.23 -14.92 -2.19
CA LEU A 169 9.03 -14.34 -1.60
C LEU A 169 9.07 -14.53 -0.08
N LEU A 170 8.93 -13.43 0.66
CA LEU A 170 8.85 -13.52 2.12
C LEU A 170 7.54 -14.22 2.47
N PRO A 171 7.55 -14.98 3.56
CA PRO A 171 6.31 -15.61 4.03
C PRO A 171 5.44 -14.56 4.70
N LEU A 172 4.15 -14.85 4.86
CA LEU A 172 3.30 -13.99 5.68
C LEU A 172 3.79 -14.17 7.09
N ILE A 173 3.87 -13.09 7.84
CA ILE A 173 4.30 -13.20 9.24
C ILE A 173 3.47 -12.25 10.10
N PHE A 174 2.82 -12.81 11.12
CA PHE A 174 1.94 -12.03 11.98
C PHE A 174 1.82 -12.68 13.35
N ARG A 175 1.44 -11.87 14.34
CA ARG A 175 1.31 -12.37 15.70
C ARG A 175 -0.11 -12.15 16.22
N MET A 176 -0.64 -13.13 16.93
CA MET A 176 -1.96 -13.03 17.55
C MET A 176 -1.82 -12.54 18.99
N LYS A 177 -2.82 -11.79 19.45
CA LYS A 177 -2.92 -11.41 20.85
C LYS A 177 -2.77 -12.65 21.72
N GLY A 178 -1.90 -12.59 22.71
CA GLY A 178 -1.74 -13.70 23.64
C GLY A 178 -0.55 -14.57 23.31
N ASP A 179 -0.13 -14.56 22.04
CA ASP A 179 1.05 -15.32 21.63
C ASP A 179 2.30 -14.48 21.79
N GLU A 180 3.39 -15.10 22.24
CA GLU A 180 4.65 -14.40 22.38
C GLU A 180 5.38 -14.24 21.05
N GLN A 181 5.22 -15.21 20.15
CA GLN A 181 5.91 -15.17 18.87
C GLN A 181 4.95 -15.13 17.70
N PRO A 182 5.33 -14.41 16.63
CA PRO A 182 4.51 -14.47 15.42
C PRO A 182 4.61 -15.84 14.79
N VAL A 183 3.66 -16.18 13.92
CA VAL A 183 3.76 -17.38 13.12
C VAL A 183 4.09 -16.94 11.69
N TRP A 184 4.60 -17.85 10.88
CA TRP A 184 4.82 -17.53 9.48
C TRP A 184 4.29 -18.61 8.55
N TYR A 185 3.82 -18.18 7.37
CA TYR A 185 3.29 -19.11 6.38
C TYR A 185 3.83 -18.74 5.00
N GLU A 186 4.38 -19.73 4.30
CA GLU A 186 4.89 -19.54 2.94
C GLU A 186 3.71 -19.19 2.01
N LEU A 187 3.92 -18.26 1.08
CA LEU A 187 2.89 -17.93 0.09
C LEU A 187 2.78 -19.02 -0.98
N PRO A 188 1.55 -19.49 -1.24
CA PRO A 188 1.36 -20.39 -2.39
C PRO A 188 1.72 -19.64 -3.67
N ARG A 189 2.65 -20.17 -4.46
CA ARG A 189 3.11 -19.44 -5.64
C ARG A 189 1.99 -19.22 -6.66
N SER A 190 0.99 -20.10 -6.66
CA SER A 190 -0.15 -19.97 -7.58
C SER A 190 -0.95 -18.69 -7.32
N LEU A 191 -0.80 -18.12 -6.13
CA LEU A 191 -1.51 -16.89 -5.77
C LEU A 191 -0.79 -15.63 -6.23
N VAL A 192 0.51 -15.76 -6.49
CA VAL A 192 1.36 -14.59 -6.70
C VAL A 192 1.73 -14.38 -8.16
N ILE A 193 1.15 -13.37 -8.79
CA ILE A 193 1.53 -13.05 -10.16
C ILE A 193 2.81 -12.24 -10.18
N GLU A 194 3.75 -12.65 -11.03
CA GLU A 194 4.95 -11.85 -11.27
C GLU A 194 5.08 -11.53 -12.75
N VAL A 195 5.77 -10.43 -13.03
CA VAL A 195 5.95 -9.97 -14.40
C VAL A 195 7.44 -9.90 -14.75
N PRO A 196 7.87 -10.67 -15.77
CA PRO A 196 9.27 -10.50 -16.21
C PRO A 196 9.42 -9.20 -16.98
N ILE A 197 10.53 -8.50 -16.80
CA ILE A 197 10.70 -7.19 -17.44
C ILE A 197 11.43 -7.35 -18.77
N THR A 198 10.74 -6.99 -19.86
CA THR A 198 11.35 -6.95 -21.18
C THR A 198 11.13 -5.55 -21.77
N HIS A 199 11.86 -5.23 -22.82
CA HIS A 199 11.75 -3.90 -23.43
C HIS A 199 11.11 -4.07 -24.80
N PRO A 200 10.27 -3.10 -25.21
CA PRO A 200 9.55 -3.23 -26.49
C PRO A 200 10.45 -3.31 -27.73
N ASP A 201 11.64 -2.70 -27.68
CA ASP A 201 12.51 -2.59 -28.85
C ASP A 201 13.87 -3.23 -28.64
N ILE A 202 14.29 -3.34 -27.38
CA ILE A 202 15.65 -3.76 -27.07
C ILE A 202 15.66 -5.20 -26.54
N GLU A 203 16.05 -6.12 -27.41
CA GLU A 203 15.97 -7.54 -27.12
C GLU A 203 16.85 -7.92 -25.94
N ALA A 204 17.98 -7.24 -25.82
CA ALA A 204 18.96 -7.59 -24.80
C ALA A 204 18.48 -7.29 -23.38
N PHE A 205 17.39 -6.52 -23.25
CA PHE A 205 16.94 -6.11 -21.93
C PHE A 205 16.60 -7.32 -21.07
N SER A 206 16.17 -8.41 -21.70
CA SER A 206 15.84 -9.61 -20.95
C SER A 206 17.07 -10.28 -20.31
N ASP A 207 18.27 -9.91 -20.77
CA ASP A 207 19.50 -10.45 -20.18
C ASP A 207 19.66 -10.02 -18.71
N LEU A 208 18.97 -8.96 -18.33
CA LEU A 208 19.03 -8.48 -16.95
C LEU A 208 18.28 -9.39 -15.99
N GLU A 209 17.41 -10.24 -16.55
CA GLU A 209 16.59 -11.15 -15.75
C GLU A 209 15.84 -10.47 -14.60
N LEU A 210 15.27 -9.31 -14.90
CA LEU A 210 14.48 -8.55 -13.91
C LEU A 210 13.03 -9.04 -13.92
N LYS A 211 12.39 -8.96 -12.76
CA LYS A 211 10.94 -9.19 -12.67
C LYS A 211 10.43 -8.39 -11.48
N TRP A 212 9.11 -8.24 -11.37
CA TRP A 212 8.53 -7.64 -10.17
C TRP A 212 7.18 -8.31 -9.91
N TYR A 213 6.64 -8.14 -8.71
CA TYR A 213 5.35 -8.75 -8.39
C TYR A 213 4.20 -7.84 -8.84
N GLY A 214 3.03 -8.42 -9.04
CA GLY A 214 1.95 -7.68 -9.68
C GLY A 214 1.26 -6.63 -8.81
N VAL A 215 1.11 -6.93 -7.53
CA VAL A 215 0.18 -6.17 -6.68
C VAL A 215 0.84 -5.68 -5.42
N PRO A 216 0.89 -4.36 -5.21
CA PRO A 216 1.45 -3.82 -3.97
C PRO A 216 0.36 -3.77 -2.88
N ILE A 217 0.54 -4.54 -1.81
CA ILE A 217 -0.48 -4.65 -0.77
C ILE A 217 0.10 -4.22 0.56
N ILE A 218 -0.05 -2.94 0.88
CA ILE A 218 0.55 -2.36 2.09
C ILE A 218 -0.11 -2.92 3.33
N SER A 219 0.68 -3.52 4.21
CA SER A 219 0.09 -4.25 5.33
C SER A 219 0.61 -3.81 6.69
N ASP A 220 1.28 -2.67 6.74
CA ASP A 220 1.88 -2.21 7.98
C ASP A 220 1.36 -0.85 8.46
N MET A 221 0.28 -0.36 7.86
CA MET A 221 -0.28 0.91 8.30
C MET A 221 -1.57 0.73 9.08
N LYS A 222 -1.92 1.75 9.86
CA LYS A 222 -3.14 1.70 10.65
C LYS A 222 -4.24 2.53 10.02
N LEU A 223 -5.41 1.94 9.87
CA LEU A 223 -6.61 2.66 9.45
C LEU A 223 -7.31 3.21 10.69
N GLU A 224 -7.51 4.52 10.74
CA GLU A 224 -8.23 5.12 11.85
C GLU A 224 -9.55 5.68 11.35
N VAL A 225 -10.66 5.22 11.94
CA VAL A 225 -12.00 5.67 11.57
C VAL A 225 -12.82 5.96 12.82
N GLY A 226 -13.21 7.22 13.02
CA GLY A 226 -14.03 7.59 14.16
C GLY A 226 -13.44 7.21 15.50
N GLY A 227 -12.12 7.31 15.62
CA GLY A 227 -11.45 7.03 16.88
C GLY A 227 -11.14 5.56 17.11
N ILE A 228 -11.55 4.72 16.17
CA ILE A 228 -11.25 3.29 16.25
C ILE A 228 -9.97 3.00 15.46
N HIS A 229 -9.04 2.27 16.09
CA HIS A 229 -7.73 2.03 15.49
C HIS A 229 -7.61 0.63 14.90
N TYR A 230 -7.75 0.54 13.58
CA TYR A 230 -7.58 -0.72 12.88
C TYR A 230 -6.12 -0.86 12.45
N ASN A 231 -5.28 -1.35 13.34
CA ASN A 231 -3.83 -1.44 13.09
C ASN A 231 -3.52 -2.47 12.02
N ALA A 232 -4.44 -3.43 11.86
CA ALA A 232 -4.28 -4.49 10.87
C ALA A 232 -5.38 -4.37 9.83
N ALA A 233 -5.02 -3.80 8.68
CA ALA A 233 -6.01 -3.55 7.62
C ALA A 233 -5.28 -3.35 6.30
N PRO A 234 -4.71 -4.44 5.76
CA PRO A 234 -3.91 -4.32 4.54
C PRO A 234 -4.73 -3.83 3.34
N PHE A 235 -4.13 -2.98 2.52
CA PHE A 235 -4.84 -2.46 1.35
C PHE A 235 -3.93 -2.45 0.12
N ASN A 236 -4.53 -2.51 -1.07
CA ASN A 236 -3.76 -2.49 -2.31
C ASN A 236 -4.41 -1.62 -3.38
N GLY A 237 -3.59 -1.11 -4.28
CA GLY A 237 -4.07 -0.59 -5.55
C GLY A 237 -3.35 -1.37 -6.64
N TRP A 238 -3.22 -0.77 -7.82
CA TRP A 238 -2.27 -1.25 -8.83
C TRP A 238 -1.08 -0.29 -8.80
N TYR A 239 0.04 -0.69 -9.39
CA TYR A 239 1.23 0.16 -9.40
C TYR A 239 1.13 1.31 -10.38
N MET A 240 1.80 2.42 -10.05
CA MET A 240 2.19 3.41 -11.04
C MET A 240 3.59 2.98 -11.48
N GLY A 241 3.87 3.03 -12.78
CA GLY A 241 5.09 2.41 -13.31
C GLY A 241 6.38 2.91 -12.68
N THR A 242 6.44 4.21 -12.39
CA THR A 242 7.63 4.80 -11.78
C THR A 242 7.97 4.18 -10.41
N GLU A 243 7.00 3.59 -9.73
CA GLU A 243 7.29 2.99 -8.43
C GLU A 243 8.23 1.82 -8.60
N ILE A 244 8.02 1.08 -9.68
CA ILE A 244 8.86 -0.07 -9.99
C ILE A 244 10.14 0.38 -10.69
N GLY A 245 10.01 1.24 -11.70
CA GLY A 245 11.14 1.58 -12.55
C GLY A 245 12.05 2.71 -12.07
N ALA A 246 11.56 3.55 -11.17
CA ALA A 246 12.38 4.67 -10.69
C ALA A 246 12.68 4.57 -9.22
N ARG A 247 12.05 3.61 -8.54
CA ARG A 247 12.32 3.39 -7.12
C ARG A 247 12.79 1.96 -6.84
N ASN A 248 11.93 0.98 -7.01
CA ASN A 248 12.27 -0.39 -6.59
C ASN A 248 13.48 -0.97 -7.32
N LEU A 249 13.53 -0.78 -8.63
CA LEU A 249 14.61 -1.36 -9.42
C LEU A 249 15.80 -0.42 -9.62
N ALA A 250 15.56 0.90 -9.51
CA ALA A 250 16.60 1.89 -9.82
C ALA A 250 17.39 2.42 -8.64
N ASP A 251 16.74 2.55 -7.50
CA ASP A 251 17.34 3.17 -6.31
C ASP A 251 18.64 2.45 -5.91
N GLU A 252 19.67 3.22 -5.54
CA GLU A 252 20.95 2.63 -5.13
C GLU A 252 20.83 1.81 -3.86
N LYS A 253 19.85 2.14 -3.03
CA LYS A 253 19.59 1.39 -1.80
C LYS A 253 18.54 0.31 -2.02
N ARG A 254 18.13 0.13 -3.26
CA ARG A 254 17.23 -0.99 -3.58
C ARG A 254 17.92 -1.91 -4.58
N TYR A 255 17.28 -2.24 -5.70
CA TYR A 255 17.94 -3.15 -6.65
C TYR A 255 19.07 -2.54 -7.47
N ASP A 256 19.14 -1.21 -7.54
CA ASP A 256 20.33 -0.51 -8.04
C ASP A 256 20.75 -0.94 -9.46
N LYS A 257 19.79 -0.96 -10.39
CA LYS A 257 20.06 -1.54 -11.70
C LYS A 257 20.44 -0.56 -12.82
N LEU A 258 20.60 0.71 -12.52
CA LEU A 258 20.80 1.67 -13.62
C LEU A 258 22.07 1.46 -14.46
N LYS A 259 23.18 1.07 -13.84
CA LYS A 259 24.40 0.83 -14.62
C LYS A 259 24.19 -0.35 -15.56
N LYS A 260 23.52 -1.39 -15.07
CA LYS A 260 23.26 -2.56 -15.89
C LYS A 260 22.28 -2.24 -17.01
N VAL A 261 21.29 -1.40 -16.71
CA VAL A 261 20.37 -0.95 -17.74
C VAL A 261 21.12 -0.15 -18.82
N ALA A 262 22.00 0.76 -18.40
CA ALA A 262 22.77 1.54 -19.36
C ALA A 262 23.57 0.62 -20.29
N SER A 263 24.18 -0.40 -19.73
CA SER A 263 24.96 -1.34 -20.54
C SER A 263 24.12 -2.07 -21.59
N VAL A 264 22.97 -2.59 -21.21
CA VAL A 264 22.15 -3.36 -22.15
C VAL A 264 21.48 -2.48 -23.22
N ILE A 265 21.26 -1.20 -22.92
CA ILE A 265 20.70 -0.31 -23.94
C ILE A 265 21.80 0.34 -24.77
N GLY A 266 23.04 -0.03 -24.48
CA GLY A 266 24.16 0.34 -25.32
C GLY A 266 24.67 1.77 -25.17
N ILE A 267 24.51 2.37 -24.00
CA ILE A 267 25.10 3.69 -23.76
C ILE A 267 26.18 3.63 -22.68
N ALA A 268 27.16 4.53 -22.78
CA ALA A 268 28.21 4.65 -21.77
C ALA A 268 27.63 5.18 -20.46
N ALA A 269 28.23 4.77 -19.34
CA ALA A 269 27.79 5.22 -18.02
C ALA A 269 28.94 5.91 -17.32
N ASP A 270 29.57 6.83 -18.04
CA ASP A 270 30.84 7.41 -17.62
C ASP A 270 30.76 8.90 -17.28
N TYR A 271 29.85 9.63 -17.91
CA TYR A 271 29.87 11.09 -17.79
C TYR A 271 28.51 11.65 -17.34
N ASN A 272 28.48 12.47 -16.30
CA ASN A 272 27.23 13.04 -15.83
C ASN A 272 26.52 13.81 -16.94
N THR A 273 27.30 14.50 -17.76
CA THR A 273 26.76 15.35 -18.83
C THR A 273 26.11 14.55 -19.95
N ASP A 274 26.33 13.24 -19.98
CA ASP A 274 25.68 12.39 -20.98
C ASP A 274 24.25 12.08 -20.57
N LEU A 275 23.90 12.43 -19.33
CA LEU A 275 22.60 12.12 -18.74
C LEU A 275 22.24 10.64 -18.90
N TRP A 276 23.22 9.77 -18.72
CA TRP A 276 23.00 8.35 -18.92
C TRP A 276 22.05 7.79 -17.89
N LYS A 277 22.07 8.34 -16.68
CA LYS A 277 21.15 7.84 -15.65
C LYS A 277 19.72 8.19 -16.02
N ASP A 278 19.54 9.37 -16.57
CA ASP A 278 18.20 9.81 -16.96
C ASP A 278 17.67 8.97 -18.11
N GLN A 279 18.52 8.71 -19.09
CA GLN A 279 18.16 7.89 -20.25
C GLN A 279 17.86 6.46 -19.84
N ALA A 280 18.70 5.88 -18.98
CA ALA A 280 18.46 4.53 -18.47
C ALA A 280 17.14 4.47 -17.70
N LEU A 281 16.89 5.48 -16.87
CA LEU A 281 15.61 5.55 -16.14
C LEU A 281 14.39 5.54 -17.07
N VAL A 282 14.45 6.31 -18.15
CA VAL A 282 13.33 6.33 -19.10
C VAL A 282 13.13 4.96 -19.74
N GLU A 283 14.20 4.34 -20.21
CA GLU A 283 14.09 3.04 -20.86
C GLU A 283 13.63 1.97 -19.89
N LEU A 284 14.14 1.97 -18.66
CA LEU A 284 13.68 0.99 -17.65
C LEU A 284 12.19 1.21 -17.39
N ASN A 285 11.79 2.47 -17.32
CA ASN A 285 10.39 2.76 -17.06
C ASN A 285 9.48 2.41 -18.23
N LYS A 286 9.97 2.59 -19.45
CA LYS A 286 9.22 2.13 -20.62
C LYS A 286 9.08 0.61 -20.59
N ALA A 287 10.14 -0.08 -20.21
CA ALA A 287 10.13 -1.54 -20.15
C ALA A 287 9.11 -2.04 -19.14
N VAL A 288 9.07 -1.41 -17.98
CA VAL A 288 8.11 -1.79 -16.94
C VAL A 288 6.66 -1.71 -17.42
N LEU A 289 6.30 -0.58 -18.03
CA LEU A 289 4.93 -0.42 -18.52
C LEU A 289 4.58 -1.42 -19.61
N HIS A 290 5.50 -1.61 -20.55
CA HIS A 290 5.30 -2.56 -21.64
C HIS A 290 5.09 -3.98 -21.11
N SER A 291 5.89 -4.35 -20.12
CA SER A 291 5.85 -5.71 -19.60
C SER A 291 4.54 -6.03 -18.85
N TYR A 292 4.12 -5.12 -17.99
CA TYR A 292 2.83 -5.30 -17.29
C TYR A 292 1.66 -5.35 -18.28
N LYS A 293 1.67 -4.45 -19.25
CA LYS A 293 0.64 -4.45 -20.30
C LYS A 293 0.63 -5.76 -21.09
N LYS A 294 1.81 -6.20 -21.52
CA LYS A 294 1.90 -7.44 -22.31
C LYS A 294 1.36 -8.64 -21.53
N GLN A 295 1.57 -8.63 -20.22
CA GLN A 295 1.14 -9.75 -19.39
C GLN A 295 -0.33 -9.64 -18.97
N GLY A 296 -0.95 -8.48 -19.20
CA GLY A 296 -2.33 -8.29 -18.77
C GLY A 296 -2.45 -8.07 -17.28
N VAL A 297 -1.47 -7.38 -16.71
CA VAL A 297 -1.53 -7.00 -15.30
C VAL A 297 -1.70 -5.48 -15.24
N SER A 298 -2.68 -5.01 -14.46
CA SER A 298 -2.97 -3.58 -14.35
C SER A 298 -1.77 -2.76 -13.93
N ILE A 299 -1.62 -1.58 -14.54
CA ILE A 299 -0.57 -0.64 -14.18
C ILE A 299 -0.98 0.70 -14.77
N VAL A 300 -0.43 1.79 -14.24
CA VAL A 300 -0.74 3.11 -14.82
C VAL A 300 0.57 3.87 -14.97
N ASP A 301 0.67 4.67 -16.04
CA ASP A 301 1.86 5.49 -16.22
C ASP A 301 1.62 6.81 -15.49
N HIS A 302 2.69 7.53 -15.19
CA HIS A 302 2.57 8.73 -14.36
C HIS A 302 1.84 9.89 -15.02
N HIS A 303 1.87 9.96 -16.35
CA HIS A 303 1.08 10.99 -17.06
C HIS A 303 -0.42 10.76 -16.94
N THR A 304 -0.84 9.52 -17.17
CA THR A 304 -2.26 9.16 -17.06
C THR A 304 -2.71 9.31 -15.61
N ALA A 305 -1.86 8.90 -14.68
CA ALA A 305 -2.16 9.00 -13.25
C ALA A 305 -2.36 10.46 -12.82
N ALA A 306 -1.49 11.35 -13.29
CA ALA A 306 -1.65 12.75 -12.98
C ALA A 306 -2.93 13.33 -13.57
N SER A 307 -3.31 12.88 -14.76
CA SER A 307 -4.54 13.37 -15.39
C SER A 307 -5.75 12.91 -14.59
N GLN A 308 -5.70 11.68 -14.10
CA GLN A 308 -6.74 11.17 -13.22
C GLN A 308 -6.79 11.99 -11.93
N PHE A 309 -5.62 12.32 -11.39
CA PHE A 309 -5.59 13.11 -10.16
C PHE A 309 -6.16 14.51 -10.38
N LYS A 310 -5.91 15.09 -11.56
CA LYS A 310 -6.52 16.39 -11.90
C LYS A 310 -8.04 16.29 -11.79
N ARG A 311 -8.59 15.18 -12.28
CA ARG A 311 -10.04 14.97 -12.19
C ARG A 311 -10.48 14.81 -10.73
N PHE A 312 -9.65 14.17 -9.91
CA PHE A 312 -9.93 14.09 -8.48
C PHE A 312 -10.03 15.49 -7.86
N GLU A 313 -9.11 16.37 -8.21
CA GLU A 313 -9.16 17.76 -7.72
C GLU A 313 -10.45 18.42 -8.13
N GLU A 314 -10.81 18.24 -9.40
CA GLU A 314 -12.01 18.87 -9.93
C GLU A 314 -13.26 18.33 -9.22
N GLN A 315 -13.29 17.03 -9.00
CA GLN A 315 -14.39 16.37 -8.29
C GLN A 315 -14.53 16.89 -6.86
N ALA A 316 -13.40 17.10 -6.18
CA ALA A 316 -13.41 17.63 -4.82
C ALA A 316 -14.01 19.04 -4.80
N GLU A 317 -13.57 19.89 -5.71
CA GLU A 317 -14.08 21.25 -5.79
C GLU A 317 -15.59 21.23 -6.06
N GLU A 318 -16.01 20.38 -6.99
CA GLU A 318 -17.41 20.30 -7.37
C GLU A 318 -18.29 19.76 -6.25
N ALA A 319 -17.71 19.00 -5.32
CA ALA A 319 -18.44 18.46 -4.19
C ALA A 319 -18.40 19.36 -2.97
N GLY A 320 -17.63 20.45 -3.04
CA GLY A 320 -17.47 21.35 -1.92
C GLY A 320 -16.53 20.84 -0.84
N ARG A 321 -15.71 19.84 -1.18
CA ARG A 321 -14.71 19.30 -0.25
C ARG A 321 -13.35 19.97 -0.43
N LYS A 322 -12.72 20.32 0.68
CA LYS A 322 -11.34 20.82 0.62
C LYS A 322 -10.45 19.71 0.13
N LEU A 323 -9.47 20.07 -0.69
CA LEU A 323 -8.49 19.12 -1.18
C LEU A 323 -7.24 19.20 -0.33
N THR A 324 -6.70 18.06 0.08
CA THR A 324 -5.42 18.05 0.75
C THR A 324 -4.43 17.17 0.00
N GLY A 325 -3.15 17.52 0.05
CA GLY A 325 -2.16 16.77 -0.70
C GLY A 325 -0.75 17.10 -0.24
N ASP A 326 0.16 16.17 -0.49
CA ASP A 326 1.58 16.35 -0.19
C ASP A 326 2.33 16.41 -1.52
N TRP A 327 2.64 17.63 -1.96
CA TRP A 327 3.32 17.87 -3.22
C TRP A 327 4.56 17.00 -3.38
N THR A 328 5.33 16.84 -2.31
CA THR A 328 6.59 16.11 -2.37
C THR A 328 6.42 14.62 -2.70
N TRP A 329 5.25 14.06 -2.39
CA TRP A 329 4.92 12.68 -2.74
C TRP A 329 4.08 12.54 -4.00
N LEU A 330 3.31 13.58 -4.32
CA LEU A 330 2.39 13.51 -5.46
C LEU A 330 3.12 13.63 -6.80
N ILE A 331 4.16 14.47 -6.86
CA ILE A 331 4.93 14.55 -8.10
C ILE A 331 5.61 13.22 -8.39
N PRO A 332 5.56 12.76 -9.65
CA PRO A 332 6.28 11.53 -9.99
C PRO A 332 7.78 11.80 -10.05
N PRO A 333 8.58 10.76 -9.83
CA PRO A 333 10.04 10.90 -9.83
C PRO A 333 10.64 10.90 -11.24
N ILE A 334 9.80 10.83 -12.27
CA ILE A 334 10.26 10.92 -13.65
C ILE A 334 9.49 12.05 -14.32
N SER A 335 10.21 13.00 -14.94
CA SER A 335 9.59 14.19 -15.55
C SER A 335 8.48 14.86 -14.74
N PRO A 336 8.74 15.18 -13.45
CA PRO A 336 7.65 15.76 -12.65
C PRO A 336 7.04 17.03 -13.22
N ALA A 337 7.86 17.89 -13.83
CA ALA A 337 7.38 19.15 -14.34
C ALA A 337 6.51 19.00 -15.59
N ALA A 338 6.41 17.77 -16.11
CA ALA A 338 5.50 17.49 -17.22
C ALA A 338 4.08 17.20 -16.74
N THR A 339 3.87 17.23 -15.42
CA THR A 339 2.54 17.00 -14.87
C THR A 339 2.00 18.30 -14.28
N HIS A 340 0.68 18.44 -14.17
CA HIS A 340 0.12 19.67 -13.64
C HIS A 340 0.41 19.82 -12.14
N ILE A 341 0.65 18.68 -11.48
CA ILE A 341 0.87 18.64 -10.05
C ILE A 341 2.05 19.55 -9.65
N PHE A 342 3.13 19.44 -10.40
CA PHE A 342 4.34 20.22 -10.15
C PHE A 342 4.07 21.72 -10.12
N HIS A 343 3.11 22.17 -10.93
CA HIS A 343 2.91 23.61 -11.11
C HIS A 343 1.84 24.22 -10.21
N ARG A 344 1.36 23.47 -9.24
CA ARG A 344 0.48 24.05 -8.22
C ARG A 344 0.93 23.64 -6.83
N SER A 345 0.27 24.17 -5.81
CA SER A 345 0.58 23.80 -4.43
C SER A 345 -0.60 23.08 -3.78
N TYR A 346 -0.33 22.39 -2.68
CA TYR A 346 -1.36 21.63 -1.98
C TYR A 346 -1.28 21.83 -0.48
N ASP A 347 -2.46 21.93 0.15
CA ASP A 347 -2.57 22.00 1.60
C ASP A 347 -2.30 20.61 2.20
N ASN A 348 -1.21 20.47 2.94
CA ASN A 348 -0.83 19.16 3.48
C ASN A 348 -1.45 18.86 4.87
N SER A 349 -2.64 19.39 5.13
CA SER A 349 -3.32 19.18 6.41
C SER A 349 -3.81 17.75 6.56
N ILE A 350 -3.83 17.24 7.78
CA ILE A 350 -4.26 15.87 8.05
C ILE A 350 -5.76 15.83 8.36
N VAL A 351 -6.52 15.10 7.55
CA VAL A 351 -7.95 14.95 7.76
C VAL A 351 -8.23 13.47 8.04
N LYS A 352 -9.09 13.18 9.02
CA LYS A 352 -9.47 11.81 9.32
C LYS A 352 -10.88 11.52 8.83
N PRO A 353 -11.21 10.25 8.54
CA PRO A 353 -10.42 9.00 8.59
C PRO A 353 -9.18 9.05 7.71
N ASN A 354 -8.17 8.25 8.05
CA ASN A 354 -6.93 8.26 7.29
C ASN A 354 -6.10 7.03 7.61
N TYR A 355 -5.03 6.83 6.85
CA TYR A 355 -4.07 5.75 7.13
C TYR A 355 -2.80 6.36 7.74
N PHE A 356 -2.26 5.70 8.76
CA PHE A 356 -1.12 6.25 9.50
C PHE A 356 0.00 5.23 9.69
N TYR A 357 1.22 5.74 9.80
CA TYR A 357 2.34 4.89 10.17
C TYR A 357 2.17 4.40 11.60
N GLN A 358 2.76 3.26 11.92
CA GLN A 358 2.82 2.77 13.30
C GLN A 358 4.17 2.11 13.51
N ASP A 359 4.58 2.02 14.77
CA ASP A 359 5.86 1.39 15.10
C ASP A 359 5.91 -0.06 14.64
N LYS A 360 7.06 -0.48 14.12
CA LYS A 360 7.29 -1.86 13.74
C LYS A 360 7.36 -2.73 15.01
N PRO A 361 6.89 -3.98 14.92
CA PRO A 361 6.92 -4.90 16.06
C PRO A 361 8.25 -5.64 16.20
N TYR A 362 9.20 -5.36 15.34
CA TYR A 362 10.52 -5.99 15.37
C TYR A 362 11.58 -4.93 15.04
N GLU A 363 12.86 -5.28 15.19
CA GLU A 363 13.93 -4.37 14.78
C GLU A 363 14.92 -5.01 13.83
CHA HEM B . 0.98 6.35 -1.84
CHB HEM B . -0.50 5.38 -6.35
CHC HEM B . -4.33 2.97 -4.54
CHD HEM B . -3.28 4.76 -0.15
C1A HEM B . 0.92 6.14 -3.20
C2A HEM B . 2.05 6.36 -4.02
C3A HEM B . 1.64 6.08 -5.29
C4A HEM B . 0.27 5.71 -5.25
CMA HEM B . 2.47 6.17 -6.54
CAA HEM B . 3.44 6.77 -3.52
CBA HEM B . 3.90 8.15 -4.03
CGA HEM B . 5.38 8.37 -3.76
O1A HEM B . 5.86 9.54 -3.95
O2A HEM B . 6.13 7.43 -3.38
C1B HEM B . -1.65 4.60 -6.23
C2B HEM B . -2.24 3.93 -7.34
C3B HEM B . -3.32 3.24 -6.88
C4B HEM B . -3.38 3.52 -5.41
CMB HEM B . -1.76 3.95 -8.78
CAB HEM B . -4.19 2.41 -7.73
CBB HEM B . -5.50 2.22 -7.50
C1C HEM B . -4.36 3.17 -3.17
C2C HEM B . -5.28 2.61 -2.26
C3C HEM B . -5.00 3.14 -0.98
C4C HEM B . -3.89 4.02 -1.15
CMC HEM B . -6.35 1.62 -2.63
CAC HEM B . -5.69 2.86 0.29
CBC HEM B . -6.97 2.46 0.42
C1D HEM B . -2.00 5.29 -0.32
C2D HEM B . -1.23 5.73 0.85
C3D HEM B . -0.05 6.16 0.39
C4D HEM B . -0.11 6.00 -1.08
CMD HEM B . -1.66 5.69 2.30
CAD HEM B . 1.09 6.72 1.22
CBD HEM B . 1.94 5.62 1.86
CGD HEM B . 3.01 6.15 2.79
O1D HEM B . 4.07 5.51 2.94
O2D HEM B . 2.86 7.22 3.44
NA HEM B . -0.18 5.75 -3.95
NB HEM B . -2.33 4.31 -5.11
NC HEM B . -3.56 4.04 -2.48
ND HEM B . -1.28 5.46 -1.46
FE HEM B . -1.96 5.12 -3.22
CL CL C . 6.56 -0.88 -3.68
C01 XFN D . 5.92 1.59 -0.87
C02 XFN D . 7.14 1.91 -0.26
N02 XFN D . 7.92 0.92 0.27
C03 XFN D . 7.56 3.24 -0.19
C04 XFN D . 6.77 4.25 -0.75
C05 XFN D . 5.54 3.91 -1.34
C06 XFN D . 5.11 2.58 -1.41
C07 XFN D . 7.19 5.60 -0.65
C08 XFN D . 3.88 2.16 -2.04
C09 XFN D . 2.77 3.20 -2.12
C11 XFN D . 0.50 2.00 -4.75
N12 XFN D . 1.58 2.52 -4.10
C13 XFN D . 1.62 2.65 -2.76
C14 XFN D . 0.52 2.22 -2.01
C15 XFN D . -0.60 1.69 -2.64
C16 XFN D . -0.60 1.56 -4.03
N17 XFN D . 0.52 1.90 -6.09
C18 XFN D . -1.72 1.25 -1.91
C34 XFN D . 8.68 5.88 -0.86
C35 XFN D . 8.96 7.25 -0.63
C36 XFN D . 9.66 7.59 0.53
C37 XFN D . 9.95 8.92 0.82
C38 XFN D . 9.54 9.92 -0.06
C39 XFN D . 8.84 9.54 -1.21
N40 XFN D . 8.57 8.24 -1.44
N41 XFN D . 8.43 10.48 -2.07
C42 XFN D . 10.64 9.26 1.98
C1 GOL E . 17.80 -22.93 9.77
O1 GOL E . 16.51 -23.50 10.03
C2 GOL E . 17.91 -21.63 10.53
O2 GOL E . 17.86 -21.93 11.94
C3 GOL E . 16.73 -20.73 10.17
O3 GOL E . 16.88 -20.16 8.86
C1 GOL F . 33.36 12.47 -14.33
O1 GOL F . 33.84 13.48 -15.21
C2 GOL F . 32.35 13.03 -13.35
O2 GOL F . 32.56 12.51 -12.02
C3 GOL F . 30.97 12.64 -13.85
O3 GOL F . 30.82 13.12 -15.19
C1 GOL G . 4.67 23.80 -5.00
O1 GOL G . 4.92 23.53 -3.62
C2 GOL G . 5.94 24.34 -5.65
O2 GOL G . 6.82 24.86 -4.64
C3 GOL G . 5.55 25.44 -6.63
O3 GOL G . 5.46 24.91 -7.97
C1 GOL H . 20.09 -6.74 -6.54
O1 GOL H . 20.43 -7.46 -7.73
C2 GOL H . 21.36 -6.43 -5.77
O2 GOL H . 21.73 -7.60 -5.04
C3 GOL H . 21.07 -5.28 -4.82
O3 GOL H . 22.02 -5.28 -3.75
C1 PEG I . 6.08 19.58 -20.38
O1 PEG I . 7.20 19.96 -19.56
C2 PEG I . 5.13 20.77 -20.52
O2 PEG I . 4.91 21.33 -19.22
C3 PEG I . 3.87 22.29 -19.17
C4 PEG I . 3.02 22.03 -17.93
O4 PEG I . 2.99 20.62 -17.68
O POL J . 10.40 0.29 2.17
C1 POL J . 10.85 0.23 3.53
C2 POL J . 9.87 -0.57 4.36
C3 POL J . 10.50 -1.88 4.80
#